data_6H1K
#
_entry.id   6H1K
#
_entity_poly.entity_id   1
_entity_poly.type   'polydeoxyribonucleotide'
_entity_poly.pdbx_seq_one_letter_code
;(DG)(DG)(DG)(DA)(DG)(DG)(DC)(DG)(DT)(DG)(DG)(DC)(DC)(DT)(DG)(DG)(DG)(DC)(DG)(DG)
(DG)(DA)(DC)(DT)(DG)(DG)(DG)(DG)
;
_entity_poly.pdbx_strand_id   A
#